data_6PE7
#
_entry.id   6PE7
#
_cell.length_a   63.654
_cell.length_b   130.375
_cell.length_c   132.636
_cell.angle_alpha   90.00
_cell.angle_beta   90.00
_cell.angle_gamma   90.00
#
_symmetry.space_group_name_H-M   'C 2 2 21'
#
loop_
_entity.id
_entity.type
_entity.pdbx_description
1 polymer 'FAB Heavy Chain'
2 polymer 'FAB Light chain'
3 non-polymer 'SULFATE ION'
4 water water
#
loop_
_entity_poly.entity_id
_entity_poly.type
_entity_poly.pdbx_seq_one_letter_code
_entity_poly.pdbx_strand_id
1 'polypeptide(L)'
;EVQLVESGGGLVKPGGSLRLSCAASGFTFSDYGMNWVRQAPGKGLEWIAYISSGRGNIYYADTVKGRFTISRDNAKNSLY
LQMNSLRAEDTAVYYCARSWGYFDVWGQGTTVTVSSASTKGPSVFPLAPSSKSTSGGTAALGCLVKDYFPEPVTVSWNSG
ALTSGVHTFPAVLQSSGLYSLSSVVTVPSSSLGTQTYICNVNHKPSNTKVDKKVEPKSCDKTH
;
H
2 'polypeptide(L)'
;DIVMTQSPDSLAVSLGERATINCKSSQSLLNRGNQKNYLTWFQQKPGQPPKLLIYWASTRESGVPDRFSGSGSGTDFTLT
ISSLQAEDVAVYYCQNDYTYPLTFGQGTKLEIKRTVAAPSVFIFPPSDEQLKSGTASVVCLLNNFYPREAKVQWKVDNAL
QSGNSQESVTEQDSKDSTYSLSSTLTLSKADYEKHKVYACEVTHQGLSSPVTKSFNRGEC
;
L
#
loop_
_chem_comp.id
_chem_comp.type
_chem_comp.name
_chem_comp.formula
SO4 non-polymer 'SULFATE ION' 'O4 S -2'
#
# COMPACT_ATOMS: atom_id res chain seq x y z
N GLU A 1 24.92 -13.52 -4.58
CA GLU A 1 23.90 -12.49 -4.71
C GLU A 1 23.68 -11.76 -3.38
N VAL A 2 23.45 -10.45 -3.46
CA VAL A 2 23.31 -9.61 -2.28
C VAL A 2 21.90 -9.76 -1.70
N GLN A 3 21.82 -10.00 -0.40
CA GLN A 3 20.53 -10.18 0.26
C GLN A 3 20.55 -9.54 1.65
N LEU A 4 19.41 -8.94 2.02
CA LEU A 4 19.12 -8.47 3.37
C LEU A 4 17.75 -9.01 3.74
N VAL A 5 17.62 -9.53 4.97
CA VAL A 5 16.39 -10.18 5.41
C VAL A 5 16.08 -9.75 6.84
N GLU A 6 14.97 -9.02 7.04
CA GLU A 6 14.51 -8.61 8.36
C GLU A 6 13.59 -9.65 8.98
N SER A 7 13.59 -9.71 10.31
CA SER A 7 12.69 -10.58 11.05
C SER A 7 12.39 -9.97 12.43
N GLY A 8 11.39 -10.53 13.10
CA GLY A 8 11.06 -10.15 14.46
C GLY A 8 9.83 -9.30 14.62
N GLY A 9 9.28 -8.75 13.53
CA GLY A 9 8.10 -7.92 13.67
C GLY A 9 6.90 -8.72 14.14
N GLY A 10 5.97 -8.03 14.81
CA GLY A 10 4.74 -8.66 15.25
C GLY A 10 3.87 -7.66 15.98
N LEU A 11 2.82 -8.19 16.62
CA LEU A 11 1.92 -7.37 17.43
C LEU A 11 2.48 -7.26 18.85
N VAL A 12 2.48 -6.04 19.38
CA VAL A 12 3.00 -5.77 20.73
C VAL A 12 2.18 -4.63 21.34
N LYS A 13 2.02 -4.68 22.67
CA LYS A 13 1.17 -3.69 23.33
C LYS A 13 1.91 -2.38 23.55
N PRO A 14 1.21 -1.26 23.61
CA PRO A 14 1.86 0.01 23.92
C PRO A 14 2.65 -0.10 25.22
N GLY A 15 3.82 0.53 25.24
CA GLY A 15 4.75 0.40 26.35
C GLY A 15 5.62 -0.83 26.30
N GLY A 16 5.37 -1.75 25.39
CA GLY A 16 6.13 -2.98 25.30
C GLY A 16 7.43 -2.80 24.53
N SER A 17 8.13 -3.92 24.36
CA SER A 17 9.41 -3.92 23.67
C SER A 17 9.44 -5.03 22.62
N LEU A 18 10.37 -4.89 21.68
CA LEU A 18 10.55 -5.85 20.59
C LEU A 18 11.93 -5.65 20.01
N ARG A 19 12.58 -6.76 19.65
CA ARG A 19 13.88 -6.71 18.98
C ARG A 19 13.71 -7.20 17.55
N LEU A 20 14.13 -6.38 16.61
CA LEU A 20 14.19 -6.77 15.20
C LEU A 20 15.60 -7.19 14.84
N SER A 21 15.70 -8.09 13.87
CA SER A 21 16.97 -8.53 13.36
C SER A 21 17.01 -8.35 11.86
N CYS A 22 18.21 -8.18 11.33
CA CYS A 22 18.44 -8.15 9.88
C CYS A 22 19.70 -8.94 9.57
N ALA A 23 19.57 -9.99 8.76
CA ALA A 23 20.70 -10.80 8.35
C ALA A 23 21.08 -10.46 6.92
N ALA A 24 22.39 -10.39 6.66
CA ALA A 24 22.97 -9.97 5.40
C ALA A 24 23.84 -11.06 4.78
N SER A 25 23.86 -11.13 3.45
CA SER A 25 24.75 -12.06 2.78
C SER A 25 25.09 -11.56 1.38
N GLY A 26 26.16 -12.10 0.81
CA GLY A 26 26.54 -11.77 -0.55
C GLY A 26 27.43 -10.55 -0.70
N PHE A 27 27.88 -9.95 0.40
CA PHE A 27 28.79 -8.82 0.39
C PHE A 27 29.51 -8.80 1.73
N THR A 28 30.53 -7.96 1.84
CA THR A 28 31.29 -7.90 3.09
C THR A 28 30.54 -6.97 4.05
N PHE A 29 29.73 -7.57 4.92
CA PHE A 29 28.84 -6.82 5.80
C PHE A 29 29.60 -5.79 6.64
N SER A 30 30.75 -6.16 7.19
CA SER A 30 31.50 -5.29 8.10
C SER A 30 32.06 -4.04 7.39
N ASP A 31 32.11 -4.04 6.07
CA ASP A 31 32.65 -2.89 5.33
C ASP A 31 31.63 -1.77 5.14
N TYR A 32 30.36 -1.95 5.53
CA TYR A 32 29.31 -1.01 5.18
C TYR A 32 28.59 -0.44 6.39
N GLY A 33 28.26 0.85 6.30
CA GLY A 33 27.24 1.40 7.16
C GLY A 33 25.89 0.76 6.90
N MET A 34 25.08 0.64 7.97
CA MET A 34 23.80 -0.05 7.93
C MET A 34 22.73 0.76 8.67
N ASN A 35 21.48 0.59 8.22
CA ASN A 35 20.39 1.48 8.62
C ASN A 35 19.09 0.71 8.87
N TRP A 36 18.22 1.35 9.65
CA TRP A 36 16.81 1.03 9.72
C TRP A 36 16.02 2.21 9.20
N VAL A 37 15.06 1.92 8.31
CA VAL A 37 14.15 2.89 7.72
C VAL A 37 12.76 2.29 7.86
N ARG A 38 11.78 3.09 8.27
CA ARG A 38 10.44 2.56 8.47
C ARG A 38 9.41 3.34 7.67
N GLN A 39 8.23 2.72 7.52
CA GLN A 39 7.16 3.31 6.73
C GLN A 39 5.82 2.93 7.36
N ALA A 40 5.15 3.93 7.97
CA ALA A 40 3.85 3.69 8.57
C ALA A 40 2.80 3.50 7.48
N PRO A 41 1.69 2.80 7.78
CA PRO A 41 0.68 2.53 6.73
C PRO A 41 0.23 3.79 6.00
N GLY A 42 0.36 3.79 4.67
CA GLY A 42 -0.08 4.90 3.87
C GLY A 42 0.77 6.15 3.94
N LYS A 43 1.93 6.10 4.58
CA LYS A 43 2.77 7.27 4.77
C LYS A 43 4.10 7.10 4.03
N GLY A 44 4.95 8.13 4.11
CA GLY A 44 6.23 8.12 3.44
C GLY A 44 7.31 7.41 4.24
N LEU A 45 8.50 7.37 3.65
CA LEU A 45 9.65 6.72 4.29
C LEU A 45 10.24 7.61 5.37
N GLU A 46 10.70 6.98 6.46
CA GLU A 46 11.31 7.71 7.57
C GLU A 46 12.57 6.95 8.00
N TRP A 47 13.74 7.54 7.78
CA TRP A 47 14.97 6.96 8.28
C TRP A 47 14.99 7.13 9.80
N ILE A 48 15.41 6.07 10.52
CA ILE A 48 15.41 6.19 11.98
C ILE A 48 16.72 5.84 12.65
N ALA A 49 17.62 5.03 12.08
CA ALA A 49 18.83 4.67 12.82
C ALA A 49 19.93 4.25 11.86
N TYR A 50 21.17 4.53 12.26
CA TYR A 50 22.35 4.27 11.46
C TYR A 50 23.50 3.83 12.36
N ILE A 51 24.32 2.90 11.87
CA ILE A 51 25.57 2.52 12.50
C ILE A 51 26.63 2.32 11.41
N SER A 52 27.77 3.03 11.54
CA SER A 52 28.79 3.03 10.51
C SER A 52 29.66 1.78 10.60
N SER A 53 30.50 1.59 9.58
CA SER A 53 31.35 0.39 9.54
C SER A 53 32.53 0.39 10.52
N GLY A 54 33.51 1.27 10.31
CA GLY A 54 34.75 1.20 11.09
C GLY A 54 34.61 1.66 12.53
N ARG A 55 34.24 2.91 12.70
CA ARG A 55 34.07 3.52 14.01
C ARG A 55 32.72 3.18 14.65
N GLY A 56 31.79 2.61 13.89
CA GLY A 56 30.46 2.36 14.41
C GLY A 56 29.77 3.61 14.91
N ASN A 57 29.90 4.72 14.19
CA ASN A 57 29.17 5.94 14.55
C ASN A 57 27.68 5.63 14.53
N ILE A 58 26.93 6.19 15.49
CA ILE A 58 25.51 5.86 15.64
C ILE A 58 24.71 7.16 15.65
N TYR A 59 23.73 7.24 14.75
CA TYR A 59 22.81 8.38 14.66
C TYR A 59 21.38 7.86 14.66
N TYR A 60 20.48 8.61 15.31
CA TYR A 60 19.06 8.29 15.41
C TYR A 60 18.20 9.46 14.97
N ALA A 61 17.01 9.13 14.47
CA ALA A 61 15.96 10.13 14.31
C ALA A 61 15.48 10.52 15.70
N ASP A 62 15.15 11.81 15.87
CA ASP A 62 14.74 12.26 17.20
C ASP A 62 13.49 11.53 17.69
N THR A 63 12.64 11.08 16.78
CA THR A 63 11.40 10.38 17.12
C THR A 63 11.63 9.06 17.86
N VAL A 64 12.84 8.48 17.79
CA VAL A 64 13.11 7.20 18.43
C VAL A 64 14.28 7.26 19.39
N LYS A 65 14.99 8.38 19.45
CA LYS A 65 16.16 8.52 20.32
C LYS A 65 15.76 8.32 21.77
N GLY A 66 16.56 7.54 22.49
CA GLY A 66 16.25 7.20 23.87
C GLY A 66 15.30 6.04 24.05
N ARG A 67 14.66 5.58 22.98
CA ARG A 67 13.77 4.43 23.03
C ARG A 67 14.28 3.25 22.21
N PHE A 68 14.89 3.50 21.05
CA PHE A 68 15.35 2.47 20.14
C PHE A 68 16.88 2.48 20.14
N THR A 69 17.50 1.30 20.10
CA THR A 69 18.96 1.23 19.99
C THR A 69 19.36 0.30 18.85
N ILE A 70 20.32 0.75 18.06
CA ILE A 70 20.83 -0.02 16.92
C ILE A 70 22.15 -0.66 17.32
N SER A 71 22.40 -1.87 16.82
CA SER A 71 23.66 -2.56 17.08
C SER A 71 23.92 -3.51 15.93
N ARG A 72 25.16 -4.01 15.87
CA ARG A 72 25.54 -4.95 14.83
C ARG A 72 26.46 -6.01 15.41
N ASP A 73 26.39 -7.20 14.83
CA ASP A 73 27.28 -8.30 15.18
C ASP A 73 27.91 -8.75 13.87
N ASN A 74 29.12 -8.28 13.60
CA ASN A 74 29.74 -8.58 12.31
C ASN A 74 30.08 -10.07 12.17
N ALA A 75 30.26 -10.78 13.28
CA ALA A 75 30.51 -12.22 13.19
C ALA A 75 29.29 -12.99 12.69
N LYS A 76 28.10 -12.44 12.84
CA LYS A 76 26.86 -13.06 12.36
C LYS A 76 26.28 -12.33 11.16
N ASN A 77 27.01 -11.38 10.58
CA ASN A 77 26.51 -10.54 9.50
C ASN A 77 25.11 -10.03 9.82
N SER A 78 24.93 -9.52 11.04
CA SER A 78 23.59 -9.18 11.51
C SER A 78 23.54 -7.77 12.10
N LEU A 79 22.39 -7.14 11.89
CA LEU A 79 22.03 -5.83 12.41
C LEU A 79 20.81 -5.99 13.30
N TYR A 80 20.73 -5.20 14.38
CA TYR A 80 19.61 -5.32 15.30
C TYR A 80 19.01 -3.95 15.61
N LEU A 81 17.73 -3.96 15.96
CA LEU A 81 17.04 -2.80 16.47
C LEU A 81 16.29 -3.21 17.72
N GLN A 82 16.72 -2.71 18.87
CA GLN A 82 16.02 -2.94 20.13
C GLN A 82 15.05 -1.80 20.34
N MET A 83 13.75 -2.09 20.33
CA MET A 83 12.70 -1.09 20.41
C MET A 83 12.03 -1.18 21.77
N ASN A 84 12.16 -0.13 22.58
CA ASN A 84 11.50 -0.07 23.89
C ASN A 84 10.49 1.07 23.90
N SER A 85 9.61 1.04 24.90
CA SER A 85 8.60 2.09 25.12
C SER A 85 7.81 2.35 23.84
N LEU A 86 7.31 1.28 23.23
CA LEU A 86 6.67 1.39 21.93
C LEU A 86 5.36 2.16 22.02
N ARG A 87 5.09 2.97 20.99
CA ARG A 87 3.86 3.75 20.90
C ARG A 87 3.11 3.37 19.63
N ALA A 88 1.82 3.70 19.60
CA ALA A 88 1.01 3.37 18.43
C ALA A 88 1.65 3.92 17.15
N GLU A 89 2.26 5.10 17.23
CA GLU A 89 2.88 5.74 16.07
C GLU A 89 4.12 5.00 15.56
N ASP A 90 4.60 3.97 16.27
CA ASP A 90 5.72 3.15 15.80
C ASP A 90 5.25 2.02 14.90
N THR A 91 3.94 1.87 14.71
CA THR A 91 3.39 0.91 13.78
C THR A 91 3.89 1.20 12.38
N ALA A 92 4.55 0.24 11.74
CA ALA A 92 5.19 0.49 10.45
C ALA A 92 5.80 -0.80 9.93
N VAL A 93 6.15 -0.79 8.65
CA VAL A 93 7.08 -1.76 8.08
C VAL A 93 8.47 -1.22 8.33
N TYR A 94 9.35 -2.07 8.87
CA TYR A 94 10.71 -1.71 9.22
C TYR A 94 11.66 -2.37 8.23
N TYR A 95 12.44 -1.56 7.51
CA TYR A 95 13.41 -2.02 6.53
C TYR A 95 14.81 -1.88 7.07
N CYS A 96 15.63 -2.88 6.76
CA CYS A 96 17.08 -2.84 6.86
C CYS A 96 17.64 -2.34 5.54
N ALA A 97 18.58 -1.40 5.60
CA ALA A 97 19.15 -0.85 4.36
C ALA A 97 20.64 -0.61 4.52
N ARG A 98 21.39 -1.06 3.51
CA ARG A 98 22.81 -0.77 3.39
C ARG A 98 22.98 0.62 2.80
N SER A 99 24.01 1.33 3.22
CA SER A 99 24.29 2.64 2.64
C SER A 99 25.77 2.81 2.34
N TRP A 100 26.04 3.60 1.31
CA TRP A 100 27.37 4.10 0.98
C TRP A 100 27.20 5.55 0.50
N GLY A 101 26.65 6.41 1.36
CA GLY A 101 26.27 7.74 0.93
C GLY A 101 24.90 7.81 0.29
N TYR A 102 24.19 6.67 0.25
CA TYR A 102 22.84 6.51 -0.27
C TYR A 102 22.44 5.07 0.02
N PHE A 103 21.14 4.81 0.14
CA PHE A 103 20.67 3.45 0.45
C PHE A 103 20.63 2.60 -0.82
N ASP A 104 21.54 1.63 -0.97
CA ASP A 104 21.59 0.86 -2.22
C ASP A 104 21.12 -0.59 -2.10
N VAL A 105 20.86 -1.09 -0.90
CA VAL A 105 20.31 -2.44 -0.73
C VAL A 105 19.26 -2.40 0.36
N TRP A 106 18.09 -2.93 0.07
CA TRP A 106 16.96 -2.95 1.01
C TRP A 106 16.48 -4.38 1.21
N GLY A 107 16.08 -4.70 2.44
CA GLY A 107 15.32 -5.91 2.69
C GLY A 107 13.85 -5.75 2.29
N GLN A 108 13.11 -6.84 2.40
CA GLN A 108 11.69 -6.80 2.08
C GLN A 108 10.85 -6.21 3.20
N GLY A 109 11.39 -6.14 4.40
CA GLY A 109 10.75 -5.48 5.52
C GLY A 109 10.13 -6.47 6.51
N THR A 110 9.97 -6.01 7.75
CA THR A 110 9.20 -6.74 8.75
C THR A 110 8.22 -5.76 9.39
N THR A 111 7.00 -6.23 9.66
CA THR A 111 5.91 -5.37 10.08
C THR A 111 5.74 -5.40 11.59
N VAL A 112 5.67 -4.22 12.20
CA VAL A 112 5.47 -4.05 13.64
C VAL A 112 4.14 -3.33 13.86
N THR A 113 3.26 -3.92 14.67
CA THR A 113 1.97 -3.30 15.00
C THR A 113 1.91 -3.08 16.50
N VAL A 114 1.75 -1.83 16.92
CA VAL A 114 1.67 -1.47 18.32
C VAL A 114 0.22 -1.10 18.62
N SER A 115 -0.48 -1.97 19.36
CA SER A 115 -1.87 -1.75 19.71
C SER A 115 -2.21 -2.60 20.93
N SER A 116 -3.22 -2.14 21.68
CA SER A 116 -3.75 -2.92 22.78
C SER A 116 -4.81 -3.92 22.34
N ALA A 117 -5.29 -3.82 21.11
CA ALA A 117 -6.32 -4.72 20.61
C ALA A 117 -5.78 -6.15 20.47
N SER A 118 -6.67 -7.12 20.64
CA SER A 118 -6.31 -8.53 20.58
C SER A 118 -6.34 -9.05 19.14
N THR A 119 -5.54 -10.09 18.90
CA THR A 119 -5.55 -10.75 17.60
C THR A 119 -6.91 -11.41 17.36
N LYS A 120 -7.42 -11.29 16.13
CA LYS A 120 -8.68 -11.90 15.77
C LYS A 120 -8.65 -12.30 14.30
N GLY A 121 -9.05 -13.54 14.02
CA GLY A 121 -9.13 -14.03 12.66
C GLY A 121 -10.41 -13.58 11.97
N PRO A 122 -10.38 -13.54 10.64
CA PRO A 122 -11.55 -13.06 9.90
C PRO A 122 -12.63 -14.12 9.73
N SER A 123 -13.84 -13.63 9.48
CA SER A 123 -14.92 -14.43 8.90
C SER A 123 -14.93 -14.16 7.40
N VAL A 124 -15.22 -15.19 6.60
CA VAL A 124 -15.18 -15.07 5.15
C VAL A 124 -16.58 -15.36 4.59
N PHE A 125 -17.15 -14.37 3.91
CA PHE A 125 -18.50 -14.43 3.39
C PHE A 125 -18.51 -14.34 1.87
N PRO A 126 -19.37 -15.09 1.20
CA PRO A 126 -19.44 -15.02 -0.26
C PRO A 126 -20.13 -13.75 -0.75
N LEU A 127 -19.66 -13.26 -1.89
CA LEU A 127 -20.33 -12.22 -2.67
C LEU A 127 -20.83 -12.94 -3.91
N ALA A 128 -22.10 -13.35 -3.89
CA ALA A 128 -22.60 -14.28 -4.88
C ALA A 128 -22.93 -13.56 -6.18
N PRO A 129 -22.64 -14.18 -7.33
CA PRO A 129 -23.03 -13.58 -8.61
C PRO A 129 -24.53 -13.64 -8.82
N SER A 130 -25.05 -12.61 -9.49
CA SER A 130 -26.48 -12.43 -9.73
C SER A 130 -27.20 -13.68 -10.23
N GLY A 137 -22.74 -9.11 -20.73
CA GLY A 137 -22.58 -10.51 -20.40
C GLY A 137 -21.51 -10.75 -19.34
N THR A 138 -21.28 -9.74 -18.50
CA THR A 138 -20.29 -9.81 -17.42
C THR A 138 -21.00 -10.01 -16.09
N ALA A 139 -20.54 -10.98 -15.32
CA ALA A 139 -20.96 -11.20 -13.93
C ALA A 139 -19.79 -10.89 -13.00
N ALA A 140 -20.13 -10.62 -11.74
CA ALA A 140 -19.13 -10.36 -10.71
C ALA A 140 -19.43 -11.23 -9.50
N LEU A 141 -18.38 -11.69 -8.83
CA LEU A 141 -18.47 -12.50 -7.62
C LEU A 141 -17.27 -12.18 -6.75
N GLY A 142 -17.29 -12.64 -5.50
CA GLY A 142 -16.18 -12.30 -4.63
C GLY A 142 -16.33 -12.88 -3.24
N CYS A 143 -15.41 -12.46 -2.39
CA CYS A 143 -15.39 -12.85 -0.98
C CYS A 143 -15.19 -11.61 -0.13
N LEU A 144 -15.99 -11.51 0.93
CA LEU A 144 -15.85 -10.45 1.91
C LEU A 144 -15.11 -11.01 3.12
N VAL A 145 -13.98 -10.41 3.43
CA VAL A 145 -13.09 -10.88 4.49
C VAL A 145 -13.23 -9.88 5.63
N LYS A 146 -14.00 -10.23 6.66
CA LYS A 146 -14.46 -9.24 7.63
C LYS A 146 -13.93 -9.51 9.04
N ASP A 147 -13.63 -8.42 9.76
CA ASP A 147 -13.37 -8.38 11.20
C ASP A 147 -12.11 -9.17 11.60
N TYR A 148 -10.96 -8.67 11.17
CA TYR A 148 -9.70 -9.28 11.55
C TYR A 148 -8.74 -8.23 12.09
N PHE A 149 -7.76 -8.71 12.88
CA PHE A 149 -6.74 -7.84 13.46
C PHE A 149 -5.55 -8.71 13.88
N PRO A 150 -4.31 -8.26 13.64
CA PRO A 150 -3.96 -7.05 12.88
C PRO A 150 -3.83 -7.36 11.39
N GLU A 151 -3.49 -6.35 10.59
CA GLU A 151 -3.10 -6.61 9.21
C GLU A 151 -1.86 -7.50 9.20
N PRO A 152 -1.63 -8.25 8.10
CA PRO A 152 -2.39 -8.33 6.85
C PRO A 152 -3.17 -9.62 6.64
N VAL A 153 -4.09 -9.60 5.67
CA VAL A 153 -4.64 -10.81 5.08
C VAL A 153 -4.22 -10.85 3.63
N THR A 154 -4.08 -12.06 3.10
CA THR A 154 -3.82 -12.28 1.68
C THR A 154 -4.97 -13.09 1.11
N VAL A 155 -5.33 -12.81 -0.13
CA VAL A 155 -6.39 -13.53 -0.83
C VAL A 155 -5.88 -13.96 -2.20
N SER A 156 -6.14 -15.21 -2.55
CA SER A 156 -5.92 -15.73 -3.88
C SER A 156 -7.21 -16.39 -4.34
N TRP A 157 -7.31 -16.65 -5.65
CA TRP A 157 -8.46 -17.33 -6.21
C TRP A 157 -8.02 -18.61 -6.91
N ASN A 158 -8.72 -19.71 -6.59
CA ASN A 158 -8.41 -21.03 -7.13
C ASN A 158 -6.93 -21.35 -6.95
N SER A 159 -6.46 -21.15 -5.72
CA SER A 159 -5.08 -21.46 -5.31
C SER A 159 -4.05 -20.76 -6.18
N GLY A 160 -4.39 -19.56 -6.68
CA GLY A 160 -3.47 -18.76 -7.46
C GLY A 160 -3.60 -18.92 -8.96
N ALA A 161 -4.45 -19.83 -9.44
CA ALA A 161 -4.60 -20.05 -10.86
C ALA A 161 -5.46 -18.99 -11.53
N LEU A 162 -6.40 -18.38 -10.80
CA LEU A 162 -7.27 -17.34 -11.33
C LEU A 162 -6.70 -15.99 -10.95
N THR A 163 -6.26 -15.24 -11.94
CA THR A 163 -5.68 -13.92 -11.70
C THR A 163 -6.34 -12.84 -12.53
N SER A 164 -6.71 -13.13 -13.78
CA SER A 164 -7.31 -12.12 -14.63
C SER A 164 -8.69 -11.73 -14.13
N GLY A 165 -8.96 -10.43 -14.14
CA GLY A 165 -10.21 -9.89 -13.67
C GLY A 165 -10.36 -9.78 -12.17
N VAL A 166 -9.32 -10.15 -11.39
CA VAL A 166 -9.39 -10.09 -9.93
C VAL A 166 -9.07 -8.68 -9.45
N HIS A 167 -9.81 -8.24 -8.43
CA HIS A 167 -9.50 -7.02 -7.69
C HIS A 167 -9.57 -7.35 -6.21
N THR A 168 -8.44 -7.28 -5.53
CA THR A 168 -8.38 -7.46 -4.10
C THR A 168 -8.13 -6.09 -3.50
N PHE A 169 -9.13 -5.55 -2.82
CA PHE A 169 -9.11 -4.16 -2.41
C PHE A 169 -8.24 -3.97 -1.16
N PRO A 170 -7.67 -2.77 -0.99
CA PRO A 170 -6.96 -2.46 0.26
C PRO A 170 -7.88 -2.64 1.45
N ALA A 171 -7.32 -3.15 2.53
CA ALA A 171 -8.09 -3.31 3.76
C ALA A 171 -8.56 -1.95 4.26
N VAL A 172 -9.73 -1.93 4.91
CA VAL A 172 -10.26 -0.72 5.52
C VAL A 172 -10.40 -0.96 7.01
N LEU A 173 -9.97 0.00 7.80
CA LEU A 173 -10.10 -0.06 9.25
C LEU A 173 -11.51 0.40 9.63
N GLN A 174 -12.26 -0.49 10.26
CA GLN A 174 -13.62 -0.15 10.66
C GLN A 174 -13.63 0.59 12.00
N SER A 175 -14.77 1.21 12.32
CA SER A 175 -14.89 1.95 13.57
C SER A 175 -14.72 1.04 14.79
N SER A 176 -14.90 -0.27 14.62
CA SER A 176 -14.68 -1.23 15.68
C SER A 176 -13.21 -1.45 15.99
N GLY A 177 -12.30 -0.91 15.17
CA GLY A 177 -10.89 -1.21 15.30
C GLY A 177 -10.45 -2.47 14.60
N LEU A 178 -11.36 -3.17 13.93
CA LEU A 178 -11.06 -4.35 13.14
C LEU A 178 -11.00 -3.99 11.66
N TYR A 179 -10.21 -4.76 10.91
CA TYR A 179 -10.09 -4.55 9.48
C TYR A 179 -11.08 -5.42 8.70
N SER A 180 -11.35 -4.99 7.47
CA SER A 180 -12.19 -5.73 6.54
C SER A 180 -11.72 -5.43 5.13
N LEU A 181 -11.84 -6.41 4.24
CA LEU A 181 -11.63 -6.15 2.82
C LEU A 181 -12.45 -7.13 1.99
N SER A 182 -12.64 -6.77 0.73
CA SER A 182 -13.29 -7.65 -0.21
C SER A 182 -12.34 -7.96 -1.36
N SER A 183 -12.48 -9.14 -1.92
CA SER A 183 -11.80 -9.51 -3.16
C SER A 183 -12.88 -9.94 -4.14
N VAL A 184 -12.88 -9.36 -5.33
CA VAL A 184 -13.90 -9.67 -6.33
C VAL A 184 -13.21 -10.16 -7.60
N VAL A 185 -14.01 -10.72 -8.50
CA VAL A 185 -13.55 -11.06 -9.84
C VAL A 185 -14.73 -10.91 -10.78
N THR A 186 -14.48 -10.37 -11.96
CA THR A 186 -15.49 -10.37 -13.02
C THR A 186 -15.20 -11.54 -13.95
N VAL A 187 -16.26 -12.19 -14.41
CA VAL A 187 -16.18 -13.34 -15.30
C VAL A 187 -17.31 -13.27 -16.30
N PRO A 188 -17.14 -13.89 -17.46
CA PRO A 188 -18.26 -13.99 -18.39
C PRO A 188 -19.36 -14.82 -17.72
N SER A 189 -20.60 -14.37 -17.87
CA SER A 189 -21.69 -14.99 -17.12
C SER A 189 -21.84 -16.46 -17.47
N SER A 190 -21.43 -16.87 -18.68
CA SER A 190 -21.49 -18.28 -19.04
C SER A 190 -20.44 -19.11 -18.31
N SER A 191 -19.35 -18.51 -17.85
CA SER A 191 -18.34 -19.22 -17.09
C SER A 191 -18.86 -19.73 -15.74
N LEU A 192 -20.00 -19.24 -15.27
CA LEU A 192 -20.51 -19.63 -13.96
C LEU A 192 -20.89 -21.10 -13.92
N GLY A 193 -21.26 -21.69 -15.06
CA GLY A 193 -21.60 -23.10 -15.08
C GLY A 193 -20.46 -24.03 -15.38
N THR A 194 -19.33 -23.50 -15.84
CA THR A 194 -18.21 -24.37 -16.24
C THR A 194 -17.00 -24.20 -15.33
N GLN A 195 -17.06 -23.28 -14.37
CA GLN A 195 -15.88 -23.04 -13.51
C GLN A 195 -16.26 -23.03 -12.03
N THR A 196 -15.33 -23.42 -11.19
CA THR A 196 -15.50 -23.40 -9.72
C THR A 196 -14.69 -22.20 -9.20
N TYR A 197 -15.29 -21.41 -8.32
CA TYR A 197 -14.60 -20.21 -7.77
C TYR A 197 -14.44 -20.38 -6.27
N ILE A 198 -13.19 -20.37 -5.84
CA ILE A 198 -12.83 -20.54 -4.44
C ILE A 198 -11.83 -19.46 -4.08
N CYS A 199 -12.14 -18.68 -3.05
CA CYS A 199 -11.20 -17.70 -2.52
C CYS A 199 -10.43 -18.32 -1.38
N ASN A 200 -9.10 -18.21 -1.44
CA ASN A 200 -8.23 -18.74 -0.40
C ASN A 200 -7.75 -17.58 0.44
N VAL A 201 -8.19 -17.54 1.70
CA VAL A 201 -7.89 -16.44 2.61
C VAL A 201 -6.92 -16.94 3.66
N ASN A 202 -5.84 -16.18 3.88
CA ASN A 202 -4.81 -16.51 4.86
C ASN A 202 -4.61 -15.31 5.77
N HIS A 203 -4.79 -15.50 7.07
CA HIS A 203 -4.50 -14.48 8.06
C HIS A 203 -3.45 -15.06 9.01
N LYS A 204 -2.18 -14.83 8.69
CA LYS A 204 -1.09 -15.39 9.47
C LYS A 204 -1.05 -14.92 10.91
N PRO A 205 -1.28 -13.63 11.25
CA PRO A 205 -1.21 -13.21 12.67
C PRO A 205 -2.08 -14.03 13.59
N SER A 206 -3.13 -14.66 13.05
CA SER A 206 -4.01 -15.52 13.81
C SER A 206 -3.99 -16.97 13.35
N ASN A 207 -3.13 -17.32 12.39
CA ASN A 207 -2.99 -18.69 11.88
C ASN A 207 -4.32 -19.22 11.31
N THR A 208 -5.07 -18.34 10.65
CA THR A 208 -6.35 -18.69 10.04
C THR A 208 -6.16 -18.91 8.54
N LYS A 209 -6.69 -20.04 8.05
CA LYS A 209 -6.66 -20.38 6.63
C LYS A 209 -8.04 -20.86 6.24
N VAL A 210 -8.68 -20.19 5.29
CA VAL A 210 -10.05 -20.50 4.88
C VAL A 210 -10.12 -20.57 3.36
N ASP A 211 -10.83 -21.58 2.85
CA ASP A 211 -11.18 -21.69 1.43
C ASP A 211 -12.69 -21.65 1.32
N LYS A 212 -13.23 -20.59 0.73
CA LYS A 212 -14.68 -20.43 0.61
C LYS A 212 -15.09 -20.56 -0.85
N LYS A 213 -16.00 -21.49 -1.12
CA LYS A 213 -16.56 -21.64 -2.45
C LYS A 213 -17.69 -20.64 -2.65
N VAL A 214 -17.69 -19.98 -3.81
CA VAL A 214 -18.66 -18.94 -4.12
C VAL A 214 -19.55 -19.45 -5.26
N GLU A 215 -20.82 -19.69 -4.94
CA GLU A 215 -21.85 -20.22 -5.81
C GLU A 215 -22.93 -19.18 -6.06
N PRO A 216 -23.59 -19.20 -7.22
CA PRO A 216 -24.75 -18.33 -7.41
C PRO A 216 -25.92 -18.77 -6.55
N ASP B 1 16.59 19.51 10.95
CA ASP B 1 16.28 18.91 9.66
C ASP B 1 16.54 19.80 8.45
N ILE B 2 16.97 19.19 7.37
CA ILE B 2 16.76 19.76 6.05
C ILE B 2 15.41 19.24 5.58
N VAL B 3 14.49 20.15 5.28
CA VAL B 3 13.13 19.77 4.89
C VAL B 3 13.12 19.59 3.38
N MET B 4 12.56 18.45 2.92
CA MET B 4 12.50 18.13 1.48
C MET B 4 11.05 18.23 1.01
N THR B 5 10.81 19.06 0.00
CA THR B 5 9.46 19.32 -0.50
C THR B 5 9.37 18.97 -1.99
N GLN B 6 8.51 18.01 -2.32
CA GLN B 6 8.28 17.62 -3.69
C GLN B 6 7.07 18.33 -4.27
N SER B 7 7.09 18.51 -5.59
CA SER B 7 5.99 19.10 -6.34
C SER B 7 5.89 18.43 -7.71
N PRO B 8 4.69 18.04 -8.17
CA PRO B 8 3.39 18.07 -7.49
C PRO B 8 3.27 16.89 -6.54
N ASP B 9 2.20 16.83 -5.74
CA ASP B 9 1.97 15.66 -4.89
C ASP B 9 1.52 14.45 -5.69
N SER B 10 0.80 14.68 -6.79
CA SER B 10 0.39 13.62 -7.69
C SER B 10 0.35 14.18 -9.11
N LEU B 11 0.55 13.28 -10.07
CA LEU B 11 0.77 13.63 -11.46
C LEU B 11 0.19 12.51 -12.32
N ALA B 12 -0.51 12.86 -13.40
CA ALA B 12 -1.02 11.90 -14.38
C ALA B 12 -0.45 12.27 -15.75
N VAL B 13 0.24 11.33 -16.38
CA VAL B 13 0.97 11.55 -17.63
C VAL B 13 0.59 10.46 -18.62
N SER B 14 0.37 10.83 -19.88
CA SER B 14 0.00 9.84 -20.89
C SER B 14 1.20 8.94 -21.24
N LEU B 15 0.88 7.71 -21.65
CA LEU B 15 1.90 6.77 -22.10
C LEU B 15 2.74 7.38 -23.21
N GLY B 16 4.06 7.22 -23.11
CA GLY B 16 4.96 7.74 -24.10
C GLY B 16 5.34 9.18 -23.94
N GLU B 17 4.73 9.91 -22.99
CA GLU B 17 5.04 11.31 -22.74
C GLU B 17 6.00 11.44 -21.56
N ARG B 18 6.36 12.68 -21.24
CA ARG B 18 7.41 13.01 -20.29
C ARG B 18 6.79 13.44 -18.95
N ALA B 19 7.29 12.86 -17.86
CA ALA B 19 6.89 13.20 -16.51
C ALA B 19 8.01 13.95 -15.79
N THR B 20 7.66 15.02 -15.08
CA THR B 20 8.63 15.87 -14.39
C THR B 20 8.23 16.00 -12.92
N ILE B 21 9.13 15.63 -12.01
CA ILE B 21 8.88 15.72 -10.57
C ILE B 21 9.96 16.58 -9.95
N ASN B 22 9.55 17.60 -9.19
N ASN B 22 9.55 17.60 -9.20
CA ASN B 22 10.48 18.56 -8.62
CA ASN B 22 10.48 18.56 -8.62
C ASN B 22 10.70 18.29 -7.15
C ASN B 22 10.69 18.30 -7.14
N CYS B 23 11.91 18.59 -6.68
CA CYS B 23 12.28 18.43 -5.27
C CYS B 23 13.06 19.66 -4.82
N LYS B 24 12.62 20.31 -3.75
CA LYS B 24 13.33 21.47 -3.21
C LYS B 24 13.78 21.16 -1.80
N SER B 25 15.03 21.50 -1.50
CA SER B 25 15.59 21.34 -0.17
C SER B 25 15.57 22.67 0.57
N SER B 26 15.40 22.62 1.89
CA SER B 26 15.43 23.87 2.66
C SER B 26 16.85 24.39 2.87
N GLN B 27 17.87 23.59 2.60
CA GLN B 27 19.27 23.97 2.71
C GLN B 27 20.05 23.31 1.59
N SER B 28 21.26 23.81 1.35
CA SER B 28 22.15 23.20 0.37
C SER B 28 22.44 21.74 0.69
N LEU B 29 22.53 20.92 -0.36
CA LEU B 29 22.92 19.51 -0.24
C LEU B 29 24.31 19.25 -0.82
N LEU B 30 25.06 20.32 -1.10
CA LEU B 30 26.35 20.22 -1.76
C LEU B 30 27.44 19.90 -0.74
N ASN B 31 28.13 18.78 -0.93
CA ASN B 31 29.28 18.44 -0.12
C ASN B 31 30.49 19.22 -0.64
N ARG B 32 31.02 20.10 0.21
CA ARG B 32 32.15 20.94 -0.18
C ARG B 32 33.45 20.16 -0.34
N GLY B 33 33.52 18.95 0.20
CA GLY B 33 34.76 18.21 0.16
C GLY B 33 34.90 17.26 -1.02
N ASN B 34 33.80 16.88 -1.67
CA ASN B 34 33.90 16.03 -2.86
C ASN B 34 33.02 16.53 -4.00
N GLN B 35 32.39 17.69 -3.85
CA GLN B 35 31.60 18.39 -4.87
C GLN B 35 30.33 17.65 -5.30
N LYS B 36 29.91 16.63 -4.58
CA LYS B 36 28.66 15.94 -4.92
C LYS B 36 27.47 16.59 -4.20
N ASN B 37 26.36 16.73 -4.92
CA ASN B 37 25.06 17.06 -4.33
C ASN B 37 24.43 15.76 -3.86
N TYR B 38 24.28 15.59 -2.55
CA TYR B 38 23.78 14.33 -2.00
C TYR B 38 22.26 14.34 -1.98
N LEU B 39 21.70 14.25 -3.19
CA LEU B 39 20.27 14.18 -3.44
C LEU B 39 19.99 12.85 -4.12
N THR B 40 19.07 12.06 -3.57
CA THR B 40 18.81 10.72 -4.07
C THR B 40 17.35 10.55 -4.43
N TRP B 41 17.07 9.82 -5.52
CA TRP B 41 15.71 9.55 -5.97
C TRP B 41 15.40 8.06 -5.88
N PHE B 42 14.21 7.74 -5.38
CA PHE B 42 13.70 6.37 -5.28
C PHE B 42 12.35 6.23 -5.98
N GLN B 43 12.08 5.01 -6.44
CA GLN B 43 10.79 4.59 -6.96
C GLN B 43 10.25 3.51 -6.04
N GLN B 44 8.98 3.63 -5.61
CA GLN B 44 8.39 2.62 -4.75
C GLN B 44 7.01 2.21 -5.24
N LYS B 45 6.82 0.90 -5.39
CA LYS B 45 5.54 0.29 -5.72
C LYS B 45 4.95 -0.41 -4.49
N PRO B 46 3.63 -0.59 -4.44
CA PRO B 46 3.00 -1.13 -3.22
C PRO B 46 3.55 -2.50 -2.86
N GLY B 47 3.78 -2.72 -1.57
CA GLY B 47 4.29 -3.98 -1.06
C GLY B 47 5.76 -4.23 -1.28
N GLN B 48 6.50 -3.28 -1.85
CA GLN B 48 7.91 -3.49 -2.13
C GLN B 48 8.75 -2.42 -1.43
N PRO B 49 10.00 -2.71 -1.10
CA PRO B 49 10.89 -1.65 -0.63
C PRO B 49 11.16 -0.67 -1.76
N PRO B 50 11.60 0.55 -1.45
CA PRO B 50 11.94 1.49 -2.53
C PRO B 50 13.11 0.99 -3.34
N LYS B 51 13.15 1.42 -4.60
CA LYS B 51 14.20 1.06 -5.53
C LYS B 51 15.02 2.31 -5.85
N LEU B 52 16.33 2.20 -5.71
CA LEU B 52 17.22 3.33 -5.97
C LEU B 52 17.27 3.64 -7.46
N LEU B 53 16.98 4.90 -7.82
CA LEU B 53 17.04 5.33 -9.21
C LEU B 53 18.30 6.14 -9.51
N ILE B 54 18.54 7.17 -8.71
CA ILE B 54 19.57 8.16 -9.00
C ILE B 54 20.19 8.59 -7.68
N TYR B 55 21.50 8.73 -7.65
CA TYR B 55 22.18 9.28 -6.48
C TYR B 55 23.14 10.38 -6.94
N TRP B 56 23.69 11.13 -5.96
CA TRP B 56 24.52 12.32 -6.24
C TRP B 56 23.81 13.26 -7.22
N ALA B 57 22.49 13.31 -7.11
CA ALA B 57 21.55 14.13 -7.87
C ALA B 57 21.41 13.76 -9.34
N SER B 58 22.42 13.14 -9.97
CA SER B 58 22.32 12.88 -11.40
C SER B 58 22.94 11.58 -11.88
N THR B 59 23.50 10.76 -10.99
CA THR B 59 24.09 9.50 -11.40
C THR B 59 23.07 8.39 -11.32
N ARG B 60 22.83 7.71 -12.44
CA ARG B 60 21.87 6.63 -12.53
C ARG B 60 22.43 5.35 -11.90
N GLU B 61 21.62 4.69 -11.07
CA GLU B 61 22.00 3.40 -10.53
C GLU B 61 22.09 2.37 -11.65
N SER B 62 22.93 1.35 -11.46
CA SER B 62 23.08 0.33 -12.48
C SER B 62 21.74 -0.35 -12.73
N GLY B 63 21.41 -0.54 -14.00
CA GLY B 63 20.20 -1.21 -14.38
C GLY B 63 19.00 -0.29 -14.53
N VAL B 64 19.11 0.97 -14.16
CA VAL B 64 17.99 1.91 -14.31
C VAL B 64 17.96 2.40 -15.75
N PRO B 65 16.82 2.31 -16.43
CA PRO B 65 16.77 2.70 -17.84
C PRO B 65 17.17 4.16 -18.06
N ASP B 66 17.74 4.48 -19.21
CA ASP B 66 18.23 5.86 -19.41
C ASP B 66 17.09 6.88 -19.57
N ARG B 67 15.84 6.42 -19.61
CA ARG B 67 14.72 7.38 -19.69
C ARG B 67 14.55 8.07 -18.32
N PHE B 68 15.18 7.56 -17.27
CA PHE B 68 15.16 8.25 -15.97
C PHE B 68 16.38 9.16 -15.89
N SER B 69 16.15 10.43 -15.57
CA SER B 69 17.22 11.42 -15.55
C SER B 69 17.07 12.35 -14.35
N GLY B 70 18.14 12.55 -13.62
CA GLY B 70 18.15 13.47 -12.48
C GLY B 70 18.98 14.70 -12.81
N SER B 71 18.49 15.87 -12.41
CA SER B 71 19.20 17.11 -12.65
C SER B 71 19.02 18.06 -11.47
N GLY B 72 19.80 19.12 -11.48
CA GLY B 72 19.67 20.22 -10.54
C GLY B 72 20.91 20.40 -9.69
N SER B 73 20.87 21.46 -8.88
CA SER B 73 21.96 21.84 -8.00
C SER B 73 21.39 22.81 -6.97
N GLY B 74 22.22 23.15 -5.99
CA GLY B 74 21.79 24.02 -4.92
C GLY B 74 20.68 23.43 -4.09
N THR B 75 19.48 24.01 -4.21
CA THR B 75 18.32 23.55 -3.46
C THR B 75 17.18 23.12 -4.38
N ASP B 76 17.42 23.02 -5.69
CA ASP B 76 16.36 22.76 -6.68
C ASP B 76 16.76 21.56 -7.54
N PHE B 77 16.01 20.47 -7.43
CA PHE B 77 16.32 19.21 -8.11
C PHE B 77 15.11 18.70 -8.88
N THR B 78 15.37 17.92 -9.93
CA THR B 78 14.31 17.45 -10.81
C THR B 78 14.56 16.02 -11.29
N LEU B 79 13.54 15.19 -11.19
CA LEU B 79 13.54 13.87 -11.81
C LEU B 79 12.69 13.95 -13.07
N THR B 80 13.25 13.52 -14.19
CA THR B 80 12.53 13.47 -15.45
C THR B 80 12.41 12.02 -15.92
N ILE B 81 11.21 11.61 -16.29
CA ILE B 81 10.95 10.28 -16.84
C ILE B 81 10.38 10.47 -18.23
N SER B 82 11.18 10.20 -19.25
N SER B 82 11.18 10.19 -19.25
CA SER B 82 10.73 10.32 -20.63
CA SER B 82 10.73 10.30 -20.62
C SER B 82 10.10 9.01 -21.10
C SER B 82 10.06 9.01 -21.07
N SER B 83 9.23 9.11 -22.11
CA SER B 83 8.55 7.98 -22.71
C SER B 83 7.92 7.07 -21.66
N LEU B 84 7.03 7.67 -20.87
CA LEU B 84 6.43 7.00 -19.73
C LEU B 84 5.81 5.67 -20.15
N GLN B 85 6.04 4.65 -19.35
CA GLN B 85 5.45 3.34 -19.56
C GLN B 85 4.61 2.93 -18.36
N ALA B 86 3.76 1.93 -18.56
CA ALA B 86 2.89 1.47 -17.49
C ALA B 86 3.68 0.97 -16.28
N GLU B 87 4.89 0.47 -16.51
CA GLU B 87 5.72 -0.01 -15.40
C GLU B 87 6.23 1.14 -14.53
N ASP B 88 6.06 2.38 -14.94
CA ASP B 88 6.54 3.52 -14.18
C ASP B 88 5.54 4.05 -13.16
N VAL B 89 4.33 3.49 -13.11
CA VAL B 89 3.35 3.90 -12.10
C VAL B 89 3.84 3.51 -10.70
N ALA B 90 3.98 4.50 -9.83
CA ALA B 90 4.69 4.32 -8.56
C ALA B 90 4.67 5.64 -7.81
N VAL B 91 5.14 5.60 -6.57
CA VAL B 91 5.42 6.79 -5.78
C VAL B 91 6.92 7.06 -5.88
N TYR B 92 7.29 8.31 -6.16
CA TYR B 92 8.69 8.71 -6.27
C TYR B 92 9.06 9.61 -5.11
N TYR B 93 10.24 9.36 -4.51
CA TYR B 93 10.73 10.10 -3.35
C TYR B 93 12.08 10.70 -3.67
N CYS B 94 12.31 11.93 -3.24
CA CYS B 94 13.66 12.44 -3.15
C CYS B 94 14.12 12.34 -1.70
N GLN B 95 15.43 12.45 -1.50
CA GLN B 95 15.95 12.28 -0.15
C GLN B 95 17.26 13.03 0.02
N ASN B 96 17.38 13.69 1.17
CA ASN B 96 18.61 14.31 1.65
C ASN B 96 19.56 13.22 2.14
N ASP B 97 20.70 13.05 1.46
CA ASP B 97 21.77 12.16 1.93
C ASP B 97 22.97 12.95 2.45
N TYR B 98 22.85 14.28 2.53
CA TYR B 98 23.98 15.14 2.83
C TYR B 98 24.36 15.11 4.32
N THR B 99 23.40 15.41 5.19
CA THR B 99 23.66 15.44 6.63
C THR B 99 22.48 14.84 7.37
N TYR B 100 22.77 14.27 8.56
CA TYR B 100 21.77 13.68 9.42
C TYR B 100 20.98 14.77 10.12
N PRO B 101 19.69 14.53 10.38
CA PRO B 101 18.98 13.28 10.04
C PRO B 101 18.69 13.18 8.54
N LEU B 102 18.76 11.97 8.00
CA LEU B 102 18.47 11.76 6.58
C LEU B 102 16.98 11.95 6.39
N THR B 103 16.58 12.87 5.51
CA THR B 103 15.18 13.20 5.40
C THR B 103 14.66 12.95 3.99
N PHE B 104 13.43 12.45 3.90
CA PHE B 104 12.75 12.18 2.63
C PHE B 104 11.76 13.30 2.29
N GLY B 105 11.57 13.53 1.00
CA GLY B 105 10.40 14.25 0.54
C GLY B 105 9.14 13.47 0.85
N GLN B 106 8.00 14.12 0.67
CA GLN B 106 6.72 13.51 1.04
C GLN B 106 6.24 12.50 0.01
N GLY B 107 6.90 12.39 -1.13
CA GLY B 107 6.49 11.46 -2.18
C GLY B 107 5.59 12.12 -3.22
N THR B 108 5.70 11.62 -4.45
CA THR B 108 4.87 12.06 -5.56
C THR B 108 4.31 10.82 -6.24
N LYS B 109 2.97 10.74 -6.32
CA LYS B 109 2.31 9.60 -6.96
C LYS B 109 2.16 9.87 -8.46
N LEU B 110 2.74 9.01 -9.28
CA LEU B 110 2.69 9.14 -10.74
C LEU B 110 1.77 8.08 -11.30
N GLU B 111 0.75 8.51 -12.05
CA GLU B 111 -0.19 7.59 -12.67
C GLU B 111 -0.24 7.83 -14.18
N ILE B 112 -0.84 6.87 -14.89
CA ILE B 112 -1.02 6.96 -16.33
C ILE B 112 -2.30 7.74 -16.62
N LYS B 113 -2.19 8.79 -17.45
CA LYS B 113 -3.35 9.48 -18.00
C LYS B 113 -3.84 8.69 -19.21
N ARG B 114 -5.11 8.27 -19.19
CA ARG B 114 -5.71 7.58 -20.30
C ARG B 114 -7.09 8.20 -20.57
N THR B 115 -7.79 7.68 -21.56
CA THR B 115 -9.12 8.19 -21.89
C THR B 115 -10.12 7.86 -20.79
N VAL B 116 -11.21 8.62 -20.76
CA VAL B 116 -12.28 8.35 -19.80
C VAL B 116 -12.88 6.99 -20.05
N ALA B 117 -13.16 6.26 -18.97
CA ALA B 117 -13.80 4.95 -19.03
C ALA B 117 -14.82 4.87 -17.90
N ALA B 118 -16.08 4.69 -18.28
CA ALA B 118 -17.16 4.59 -17.30
C ALA B 118 -17.11 3.24 -16.59
N PRO B 119 -17.45 3.19 -15.30
CA PRO B 119 -17.46 1.90 -14.59
C PRO B 119 -18.65 1.05 -14.99
N SER B 120 -18.44 -0.26 -14.90
CA SER B 120 -19.51 -1.24 -14.74
C SER B 120 -19.84 -1.33 -13.26
N VAL B 121 -21.13 -1.40 -12.92
CA VAL B 121 -21.55 -1.36 -11.53
C VAL B 121 -22.29 -2.65 -11.17
N PHE B 122 -21.97 -3.18 -9.99
CA PHE B 122 -22.60 -4.39 -9.47
C PHE B 122 -22.93 -4.18 -8.01
N ILE B 123 -24.02 -4.81 -7.54
CA ILE B 123 -24.41 -4.72 -6.13
C ILE B 123 -24.57 -6.13 -5.57
N PHE B 124 -24.10 -6.35 -4.34
CA PHE B 124 -24.17 -7.63 -3.65
C PHE B 124 -24.98 -7.50 -2.36
N PRO B 125 -26.04 -8.28 -2.18
CA PRO B 125 -26.71 -8.33 -0.88
C PRO B 125 -25.84 -9.06 0.12
N PRO B 126 -26.11 -8.92 1.41
CA PRO B 126 -25.37 -9.72 2.40
C PRO B 126 -25.68 -11.20 2.24
N SER B 127 -24.74 -12.03 2.63
CA SER B 127 -24.96 -13.48 2.60
C SER B 127 -25.83 -13.90 3.77
N ASP B 128 -26.59 -14.99 3.55
CA ASP B 128 -27.38 -15.56 4.64
C ASP B 128 -26.48 -15.94 5.81
N GLU B 129 -25.27 -16.43 5.51
CA GLU B 129 -24.32 -16.78 6.55
C GLU B 129 -23.97 -15.56 7.41
N GLN B 130 -23.71 -14.42 6.78
CA GLN B 130 -23.40 -13.21 7.56
C GLN B 130 -24.61 -12.75 8.35
N LEU B 131 -25.78 -12.68 7.69
CA LEU B 131 -27.00 -12.23 8.38
C LEU B 131 -27.21 -13.00 9.67
N LYS B 132 -26.98 -14.31 9.64
CA LYS B 132 -27.15 -15.13 10.84
C LYS B 132 -26.30 -14.65 12.01
N SER B 133 -25.14 -14.06 11.74
CA SER B 133 -24.26 -13.63 12.82
C SER B 133 -24.60 -12.25 13.38
N GLY B 134 -25.58 -11.56 12.82
CA GLY B 134 -26.06 -10.31 13.37
C GLY B 134 -25.73 -9.06 12.59
N THR B 135 -25.05 -9.19 11.44
CA THR B 135 -24.58 -8.03 10.70
C THR B 135 -24.88 -8.21 9.22
N ALA B 136 -25.11 -7.09 8.55
CA ALA B 136 -25.41 -7.07 7.12
C ALA B 136 -24.44 -6.12 6.43
N SER B 137 -23.61 -6.65 5.54
CA SER B 137 -22.76 -5.84 4.68
C SER B 137 -23.34 -5.89 3.27
N VAL B 138 -23.60 -4.72 2.69
CA VAL B 138 -24.05 -4.60 1.30
C VAL B 138 -22.88 -4.00 0.52
N VAL B 139 -22.48 -4.66 -0.57
CA VAL B 139 -21.26 -4.26 -1.29
C VAL B 139 -21.64 -3.74 -2.68
N CYS B 140 -21.08 -2.59 -3.05
CA CYS B 140 -21.24 -2.04 -4.39
C CYS B 140 -19.87 -1.99 -5.05
N LEU B 141 -19.76 -2.56 -6.25
CA LEU B 141 -18.50 -2.69 -6.97
C LEU B 141 -18.53 -1.82 -8.22
N LEU B 142 -17.51 -0.96 -8.38
CA LEU B 142 -17.30 -0.19 -9.61
C LEU B 142 -16.10 -0.80 -10.31
N ASN B 143 -16.29 -1.23 -11.56
CA ASN B 143 -15.27 -2.02 -12.24
C ASN B 143 -14.66 -1.23 -13.39
N ASN B 144 -13.33 -1.10 -13.36
CA ASN B 144 -12.46 -0.66 -14.46
C ASN B 144 -12.87 0.68 -15.06
N PHE B 145 -12.70 1.74 -14.25
CA PHE B 145 -13.03 3.09 -14.66
C PHE B 145 -11.82 4.01 -14.61
N TYR B 146 -11.95 5.14 -15.29
CA TYR B 146 -10.92 6.17 -15.31
C TYR B 146 -11.63 7.48 -15.65
N PRO B 147 -11.35 8.59 -14.94
CA PRO B 147 -10.37 8.76 -13.86
C PRO B 147 -10.86 8.25 -12.50
N ARG B 148 -10.03 8.45 -11.47
CA ARG B 148 -10.30 7.84 -10.17
C ARG B 148 -11.52 8.49 -9.48
N GLU B 149 -11.78 9.76 -9.76
CA GLU B 149 -12.86 10.50 -9.11
C GLU B 149 -14.21 9.84 -9.40
N ALA B 150 -14.94 9.49 -8.34
CA ALA B 150 -16.26 8.91 -8.46
C ALA B 150 -17.04 9.19 -7.18
N LYS B 151 -18.35 9.35 -7.33
CA LYS B 151 -19.24 9.55 -6.18
C LYS B 151 -20.16 8.34 -6.09
N VAL B 152 -20.12 7.64 -4.96
CA VAL B 152 -20.97 6.48 -4.73
C VAL B 152 -21.85 6.79 -3.53
N GLN B 153 -23.17 6.79 -3.72
CA GLN B 153 -24.11 7.07 -2.64
C GLN B 153 -25.03 5.88 -2.39
N TRP B 154 -25.34 5.63 -1.12
CA TRP B 154 -26.28 4.57 -0.76
C TRP B 154 -27.65 5.16 -0.46
N LYS B 155 -28.69 4.50 -0.96
CA LYS B 155 -30.06 4.84 -0.65
C LYS B 155 -30.76 3.58 -0.16
N VAL B 156 -31.46 3.69 0.96
CA VAL B 156 -32.19 2.58 1.54
C VAL B 156 -33.65 3.01 1.62
N ASP B 157 -34.54 2.28 0.94
CA ASP B 157 -35.93 2.72 0.76
C ASP B 157 -35.98 4.16 0.28
N ASN B 158 -35.10 4.49 -0.66
CA ASN B 158 -34.96 5.79 -1.32
C ASN B 158 -34.44 6.92 -0.42
N ALA B 159 -33.95 6.64 0.78
CA ALA B 159 -33.41 7.69 1.63
C ALA B 159 -31.88 7.66 1.62
N LEU B 160 -31.25 8.82 1.40
CA LEU B 160 -29.79 8.89 1.34
C LEU B 160 -29.16 8.52 2.68
N GLN B 161 -28.13 7.67 2.64
CA GLN B 161 -27.44 7.18 3.82
C GLN B 161 -26.20 8.02 4.12
N SER B 162 -25.88 8.17 5.40
CA SER B 162 -24.69 8.89 5.82
C SER B 162 -24.03 8.14 6.96
N GLY B 163 -22.70 8.09 6.95
CA GLY B 163 -21.92 7.60 8.07
C GLY B 163 -21.76 6.11 8.20
N ASN B 164 -22.45 5.32 7.36
CA ASN B 164 -22.48 3.86 7.52
C ASN B 164 -21.88 3.13 6.32
N SER B 165 -21.01 3.78 5.55
CA SER B 165 -20.34 3.13 4.44
C SER B 165 -18.86 3.51 4.40
N GLN B 166 -18.05 2.64 3.80
CA GLN B 166 -16.62 2.86 3.63
C GLN B 166 -16.22 2.38 2.24
N GLU B 167 -15.26 3.08 1.64
CA GLU B 167 -14.78 2.81 0.28
C GLU B 167 -13.32 2.39 0.29
N SER B 168 -12.96 1.58 -0.70
CA SER B 168 -11.59 1.15 -0.95
C SER B 168 -11.38 1.14 -2.46
N VAL B 169 -10.18 1.53 -2.92
CA VAL B 169 -9.87 1.66 -4.34
C VAL B 169 -8.58 0.92 -4.65
N THR B 170 -8.54 0.20 -5.77
CA THR B 170 -7.32 -0.48 -6.18
C THR B 170 -6.36 0.49 -6.83
N GLU B 171 -5.09 0.06 -6.95
CA GLU B 171 -4.12 0.77 -7.77
C GLU B 171 -4.46 0.61 -9.25
N GLN B 172 -3.92 1.52 -10.08
CA GLN B 172 -4.16 1.46 -11.51
C GLN B 172 -3.84 0.08 -12.08
N ASP B 173 -4.73 -0.43 -12.91
CA ASP B 173 -4.57 -1.75 -13.49
C ASP B 173 -3.43 -1.79 -14.49
N SER B 174 -2.65 -2.88 -14.46
CA SER B 174 -1.46 -2.97 -15.30
C SER B 174 -1.82 -3.03 -16.78
N LYS B 175 -2.97 -3.61 -17.12
CA LYS B 175 -3.31 -3.82 -18.53
C LYS B 175 -4.05 -2.66 -19.17
N ASP B 176 -5.02 -2.04 -18.47
CA ASP B 176 -5.80 -0.97 -19.08
C ASP B 176 -5.75 0.35 -18.30
N SER B 177 -4.94 0.44 -17.25
CA SER B 177 -4.72 1.68 -16.50
C SER B 177 -5.98 2.23 -15.85
N THR B 178 -6.93 1.36 -15.51
CA THR B 178 -8.16 1.76 -14.84
C THR B 178 -8.08 1.51 -13.34
N TYR B 179 -9.07 2.01 -12.62
CA TYR B 179 -9.29 1.75 -11.21
C TYR B 179 -10.55 0.91 -11.02
N SER B 180 -10.60 0.21 -9.89
CA SER B 180 -11.83 -0.41 -9.43
C SER B 180 -12.05 0.02 -7.98
N LEU B 181 -13.31 0.00 -7.55
CA LEU B 181 -13.66 0.57 -6.25
C LEU B 181 -14.77 -0.27 -5.63
N SER B 182 -14.73 -0.42 -4.31
CA SER B 182 -15.80 -1.09 -3.60
C SER B 182 -16.31 -0.13 -2.53
N SER B 183 -17.62 -0.10 -2.37
CA SER B 183 -18.23 0.66 -1.28
C SER B 183 -19.08 -0.32 -0.50
N THR B 184 -18.90 -0.35 0.82
CA THR B 184 -19.56 -1.32 1.68
C THR B 184 -20.45 -0.57 2.64
N LEU B 185 -21.74 -0.89 2.63
CA LEU B 185 -22.71 -0.33 3.56
C LEU B 185 -22.92 -1.34 4.67
N THR B 186 -22.75 -0.91 5.93
CA THR B 186 -22.87 -1.85 7.05
C THR B 186 -24.06 -1.49 7.91
N LEU B 187 -24.99 -2.43 8.07
CA LEU B 187 -26.12 -2.27 8.96
C LEU B 187 -26.18 -3.47 9.89
N SER B 188 -26.86 -3.31 11.03
CA SER B 188 -27.14 -4.48 11.84
C SER B 188 -28.17 -5.36 11.12
N LYS B 189 -28.20 -6.64 11.47
CA LYS B 189 -29.20 -7.53 10.88
C LYS B 189 -30.62 -7.04 11.16
N ALA B 190 -30.88 -6.61 12.40
CA ALA B 190 -32.21 -6.13 12.75
C ALA B 190 -32.61 -4.92 11.91
N ASP B 191 -31.67 -4.00 11.70
CA ASP B 191 -31.94 -2.82 10.89
C ASP B 191 -32.11 -3.20 9.42
N TYR B 192 -31.24 -4.07 8.91
CA TYR B 192 -31.31 -4.47 7.50
C TYR B 192 -32.67 -5.06 7.14
N GLU B 193 -33.22 -5.89 8.02
CA GLU B 193 -34.48 -6.56 7.70
C GLU B 193 -35.70 -5.66 7.86
N LYS B 194 -35.52 -4.38 8.19
CA LYS B 194 -36.62 -3.43 8.23
C LYS B 194 -36.83 -2.70 6.90
N HIS B 195 -35.95 -2.90 5.91
CA HIS B 195 -36.03 -2.14 4.67
C HIS B 195 -36.13 -3.06 3.46
N LYS B 196 -36.63 -2.50 2.36
CA LYS B 196 -36.88 -3.26 1.14
C LYS B 196 -35.87 -2.95 0.03
N VAL B 197 -35.71 -1.70 -0.35
CA VAL B 197 -34.90 -1.34 -1.52
C VAL B 197 -33.51 -0.88 -1.07
N TYR B 198 -32.48 -1.55 -1.56
CA TYR B 198 -31.09 -1.16 -1.34
C TYR B 198 -30.47 -0.77 -2.67
N ALA B 199 -29.98 0.46 -2.77
CA ALA B 199 -29.51 1.02 -4.03
C ALA B 199 -28.15 1.68 -3.85
N CYS B 200 -27.28 1.44 -4.82
CA CYS B 200 -25.99 2.11 -4.95
C CYS B 200 -26.09 3.03 -6.16
N GLU B 201 -25.85 4.32 -5.96
CA GLU B 201 -25.95 5.32 -7.02
C GLU B 201 -24.57 5.87 -7.36
N VAL B 202 -24.14 5.72 -8.61
CA VAL B 202 -22.78 6.03 -9.04
C VAL B 202 -22.77 7.22 -9.99
N THR B 203 -21.97 8.24 -9.65
CA THR B 203 -21.73 9.40 -10.49
C THR B 203 -20.28 9.36 -10.94
N HIS B 204 -20.04 9.51 -12.25
CA HIS B 204 -18.70 9.43 -12.81
C HIS B 204 -18.68 10.14 -14.15
N GLN B 205 -17.52 10.75 -14.46
CA GLN B 205 -17.35 11.51 -15.70
C GLN B 205 -17.73 10.71 -16.94
N GLY B 206 -17.48 9.39 -16.92
CA GLY B 206 -17.82 8.53 -18.04
C GLY B 206 -19.31 8.28 -18.23
N LEU B 207 -20.14 8.66 -17.27
CA LEU B 207 -21.58 8.39 -17.29
C LEU B 207 -22.34 9.68 -17.58
N SER B 208 -23.28 9.61 -18.54
CA SER B 208 -24.04 10.80 -18.92
C SER B 208 -24.92 11.30 -17.77
N SER B 209 -25.42 10.40 -16.94
CA SER B 209 -26.15 10.70 -15.72
C SER B 209 -25.87 9.57 -14.73
N PRO B 210 -26.16 9.77 -13.45
CA PRO B 210 -25.82 8.73 -12.46
C PRO B 210 -26.50 7.40 -12.73
N VAL B 211 -25.77 6.31 -12.46
CA VAL B 211 -26.25 4.95 -12.66
C VAL B 211 -26.59 4.36 -11.30
N THR B 212 -27.76 3.72 -11.19
CA THR B 212 -28.18 3.08 -9.96
C THR B 212 -28.28 1.57 -10.15
N LYS B 213 -27.69 0.82 -9.24
CA LYS B 213 -27.91 -0.62 -9.16
C LYS B 213 -28.60 -0.92 -7.85
N SER B 214 -29.66 -1.72 -7.88
CA SER B 214 -30.44 -1.95 -6.68
C SER B 214 -30.94 -3.39 -6.62
N PHE B 215 -31.41 -3.77 -5.44
CA PHE B 215 -32.10 -5.03 -5.24
C PHE B 215 -33.16 -4.83 -4.17
N ASN B 216 -34.15 -5.73 -4.17
CA ASN B 216 -35.15 -5.78 -3.12
C ASN B 216 -34.84 -6.95 -2.20
N ARG B 217 -34.73 -6.67 -0.90
CA ARG B 217 -34.43 -7.70 0.08
C ARG B 217 -35.46 -8.82 -0.01
N GLY B 218 -34.97 -10.06 -0.12
CA GLY B 218 -35.81 -11.23 -0.22
C GLY B 218 -36.21 -11.63 -1.63
N GLU B 219 -36.00 -10.76 -2.63
CA GLU B 219 -36.33 -11.08 -4.00
C GLU B 219 -35.09 -11.67 -4.69
S SO4 C . 36.24 5.80 9.86
O1 SO4 C . 37.55 5.95 10.48
O2 SO4 C . 35.99 4.39 9.60
O3 SO4 C . 36.18 6.51 8.58
O4 SO4 C . 35.20 6.33 10.70
S SO4 D . 25.95 0.40 -6.78
O1 SO4 D . 27.35 0.11 -6.47
O2 SO4 D . 25.10 -0.12 -5.71
O3 SO4 D . 25.56 -0.22 -8.05
O4 SO4 D . 25.78 1.85 -6.91
#